data_4E2U
#
_entry.id   4E2U
#
_cell.length_a   46.930
_cell.length_b   63.649
_cell.length_c   66.552
_cell.angle_alpha   90.00
_cell.angle_beta   90.00
_cell.angle_gamma   90.00
#
_symmetry.space_group_name_H-M   'P 21 21 21'
#
loop_
_entity.id
_entity.type
_entity.pdbx_description
1 polymer 'Pho radA intein'
2 water water
#
_entity_poly.entity_id   1
_entity_poly.type   'polypeptide(L)'
_entity_poly.pdbx_seq_one_letter_code
;SQHMAFARDTEVYYENDTVPHMESIEEMYSKYASMNGELPFDNGYAVPLDNVFVYTLDIASGEIKKTRASYIYREKVEKL
IEIKLSSGYSLKVTPSHPVLLFRDGLQWVPAAEVKPGDVVVGVRNGELEFHEVSSVRIIDYNNWVYDLVIPETHNFIAPN
GLVLHNAQ
;
_entity_poly.pdbx_strand_id   A
#
# COMPACT_ATOMS: atom_id res chain seq x y z
N SER A 1 14.70 -8.44 5.58
CA SER A 1 13.72 -7.35 5.47
C SER A 1 13.52 -6.97 4.00
N GLN A 2 12.41 -6.30 3.72
CA GLN A 2 12.09 -5.90 2.35
C GLN A 2 11.56 -4.49 2.38
N HIS A 3 11.80 -3.76 1.29
CA HIS A 3 11.26 -2.41 1.17
C HIS A 3 10.18 -2.29 0.09
N MET A 4 9.86 -3.40 -0.55
CA MET A 4 8.80 -3.40 -1.56
C MET A 4 7.65 -4.30 -1.12
N ALA A 5 6.44 -3.89 -1.50
CA ALA A 5 5.25 -4.59 -1.04
C ALA A 5 4.14 -4.76 -2.07
N PHE A 6 3.92 -3.77 -2.94
CA PHE A 6 2.67 -3.67 -3.73
C PHE A 6 2.86 -3.91 -5.21
N ALA A 7 1.89 -4.60 -5.83
CA ALA A 7 1.93 -4.76 -7.28
C ALA A 7 1.85 -3.39 -7.96
N ARG A 8 2.35 -3.34 -9.18
CA ARG A 8 2.54 -2.08 -9.91
C ARG A 8 1.22 -1.37 -10.19
N ASP A 9 0.10 -2.10 -10.23
CA ASP A 9 -1.22 -1.48 -10.47
C ASP A 9 -1.98 -1.08 -9.20
N THR A 10 -1.30 -1.08 -8.05
CA THR A 10 -1.95 -0.61 -6.83
C THR A 10 -2.19 0.91 -6.91
N GLU A 11 -3.44 1.33 -6.77
CA GLU A 11 -3.77 2.76 -6.86
C GLU A 11 -3.42 3.47 -5.56
N VAL A 12 -2.86 4.68 -5.70
CA VAL A 12 -2.54 5.47 -4.54
C VAL A 12 -3.20 6.84 -4.64
N TYR A 13 -3.33 7.48 -3.49
CA TYR A 13 -3.76 8.88 -3.39
C TYR A 13 -2.67 9.64 -2.69
N TYR A 14 -2.32 10.82 -3.20
CA TYR A 14 -1.35 11.65 -2.51
C TYR A 14 -1.57 13.08 -2.91
N GLU A 15 -0.90 13.98 -2.21
CA GLU A 15 -0.94 15.42 -2.53
C GLU A 15 0.48 15.90 -2.75
N ASN A 16 0.69 16.69 -3.82
CA ASN A 16 2.01 17.25 -4.06
C ASN A 16 1.94 18.74 -3.91
N ASP A 17 2.64 19.23 -2.91
CA ASP A 17 2.34 20.54 -2.35
C ASP A 17 0.88 20.47 -1.90
N THR A 18 -0.01 21.11 -2.66
CA THR A 18 -1.42 21.16 -2.27
C THR A 18 -2.33 20.41 -3.22
N VAL A 19 -1.75 19.89 -4.30
CA VAL A 19 -2.52 19.38 -5.42
C VAL A 19 -2.73 17.87 -5.27
N PRO A 20 -4.00 17.42 -5.21
CA PRO A 20 -4.25 15.98 -5.05
C PRO A 20 -4.08 15.20 -6.34
N HIS A 21 -3.70 13.92 -6.24
CA HIS A 21 -3.48 13.04 -7.38
C HIS A 21 -3.92 11.64 -7.01
N MET A 22 -4.47 10.92 -7.99
CA MET A 22 -4.69 9.48 -7.88
C MET A 22 -4.17 8.80 -9.12
N GLU A 23 -3.38 7.76 -8.94
CA GLU A 23 -2.81 7.05 -10.08
C GLU A 23 -2.22 5.77 -9.52
N SER A 24 -1.67 4.92 -10.37
CA SER A 24 -1.08 3.70 -9.82
C SER A 24 0.30 3.97 -9.26
N ILE A 25 0.78 3.04 -8.45
CA ILE A 25 2.07 3.30 -7.82
C ILE A 25 3.19 3.28 -8.86
N GLU A 26 3.07 2.51 -9.95
CA GLU A 26 4.10 2.52 -11.01
C GLU A 26 4.05 3.84 -11.77
N GLU A 27 2.85 4.37 -11.97
CA GLU A 27 2.69 5.68 -12.64
C GLU A 27 3.33 6.78 -11.78
N MET A 28 3.08 6.73 -10.47
CA MET A 28 3.72 7.65 -9.54
C MET A 28 5.24 7.58 -9.57
N TYR A 29 5.77 6.36 -9.55
CA TYR A 29 7.22 6.17 -9.58
C TYR A 29 7.79 6.78 -10.85
N SER A 30 7.15 6.50 -12.00
CA SER A 30 7.66 7.00 -13.27
C SER A 30 7.67 8.52 -13.27
N LYS A 31 6.60 9.12 -12.76
CA LYS A 31 6.45 10.57 -12.75
C LYS A 31 7.58 11.21 -11.94
N TYR A 32 7.80 10.71 -10.72
CA TYR A 32 8.80 11.34 -9.87
C TYR A 32 10.25 10.94 -10.21
N ALA A 33 10.44 9.75 -10.81
CA ALA A 33 11.77 9.37 -11.29
C ALA A 33 12.21 10.38 -12.36
N SER A 34 11.27 10.76 -13.22
CA SER A 34 11.60 11.72 -14.28
C SER A 34 11.96 13.08 -13.68
N MET A 35 11.26 13.45 -12.62
CA MET A 35 11.39 14.76 -12.01
C MET A 35 12.61 14.84 -11.07
N ASN A 36 12.83 13.77 -10.31
CA ASN A 36 13.79 13.81 -9.19
C ASN A 36 14.98 12.89 -9.32
N GLY A 37 14.90 11.95 -10.26
CA GLY A 37 15.94 10.95 -10.46
C GLY A 37 15.74 9.74 -9.55
N GLU A 38 16.57 8.71 -9.74
CA GLU A 38 16.51 7.49 -8.95
C GLU A 38 17.80 7.26 -8.21
N LEU A 39 17.70 6.76 -6.98
CA LEU A 39 18.88 6.42 -6.20
C LEU A 39 18.95 4.89 -6.04
N PRO A 40 20.12 4.29 -6.24
CA PRO A 40 20.23 2.89 -5.87
C PRO A 40 19.97 2.78 -4.38
N PHE A 41 19.20 1.79 -3.95
CA PHE A 41 18.83 1.71 -2.55
C PHE A 41 18.42 0.28 -2.22
N ASP A 42 19.01 -0.28 -1.15
CA ASP A 42 18.67 -1.64 -0.79
C ASP A 42 18.98 -2.54 -2.00
N ASN A 43 18.01 -3.34 -2.46
CA ASN A 43 18.24 -4.25 -3.58
C ASN A 43 17.47 -3.77 -4.81
N GLY A 44 17.14 -2.48 -4.79
CA GLY A 44 16.39 -1.92 -5.91
C GLY A 44 16.71 -0.44 -6.06
N TYR A 45 15.68 0.37 -6.26
CA TYR A 45 15.89 1.79 -6.57
C TYR A 45 14.81 2.59 -5.87
N ALA A 46 15.16 3.82 -5.48
CA ALA A 46 14.25 4.68 -4.74
C ALA A 46 14.21 6.06 -5.39
N VAL A 47 13.04 6.66 -5.38
CA VAL A 47 12.86 8.02 -5.89
C VAL A 47 12.48 8.89 -4.70
N PRO A 48 13.33 9.86 -4.33
CA PRO A 48 13.04 10.79 -3.22
C PRO A 48 11.86 11.71 -3.55
N LEU A 49 11.06 12.04 -2.53
CA LEU A 49 9.91 12.91 -2.71
C LEU A 49 10.03 14.15 -1.87
N ASP A 50 9.68 15.26 -2.49
CA ASP A 50 9.66 16.55 -1.81
C ASP A 50 8.22 17.05 -1.73
N ASN A 51 7.79 17.40 -0.52
CA ASN A 51 6.47 17.96 -0.33
C ASN A 51 5.32 17.10 -0.81
N VAL A 52 5.44 15.78 -0.61
CA VAL A 52 4.35 14.87 -0.96
C VAL A 52 3.75 14.33 0.31
N PHE A 53 2.43 14.34 0.38
CA PHE A 53 1.73 13.93 1.60
C PHE A 53 0.66 12.90 1.29
N VAL A 54 0.30 12.11 2.29
CA VAL A 54 -0.77 11.13 2.16
C VAL A 54 -1.71 11.25 3.37
N TYR A 55 -2.85 10.55 3.32
CA TYR A 55 -3.65 10.39 4.52
C TYR A 55 -3.31 9.06 5.16
N THR A 56 -3.37 9.02 6.48
CA THR A 56 -2.96 7.86 7.24
C THR A 56 -3.92 7.61 8.39
N LEU A 57 -4.05 6.35 8.79
CA LEU A 57 -4.92 5.95 9.89
C LEU A 57 -4.15 5.58 11.14
N ASP A 58 -4.53 6.17 12.27
CA ASP A 58 -4.08 5.70 13.57
C ASP A 58 -5.05 4.61 14.01
N ILE A 59 -4.62 3.34 14.03
CA ILE A 59 -5.59 2.26 14.25
C ILE A 59 -6.12 2.21 15.67
N ALA A 60 -5.42 2.86 16.60
CA ALA A 60 -5.83 2.80 18.00
C ALA A 60 -6.95 3.79 18.28
N SER A 61 -6.85 4.95 17.67
CA SER A 61 -7.79 6.05 17.95
C SER A 61 -8.82 6.18 16.85
N GLY A 62 -8.47 5.72 15.65
CA GLY A 62 -9.35 5.88 14.49
C GLY A 62 -9.17 7.22 13.80
N GLU A 63 -8.24 8.02 14.31
CA GLU A 63 -7.93 9.33 13.71
C GLU A 63 -7.30 9.20 12.34
N ILE A 64 -7.83 9.97 11.39
CA ILE A 64 -7.22 10.09 10.07
C ILE A 64 -6.42 11.38 10.07
N LYS A 65 -5.16 11.30 9.70
CA LYS A 65 -4.28 12.46 9.69
C LYS A 65 -3.55 12.57 8.38
N LYS A 66 -2.82 13.66 8.20
CA LYS A 66 -2.02 13.89 7.01
C LYS A 66 -0.56 13.82 7.38
N THR A 67 0.24 13.07 6.61
CA THR A 67 1.64 12.92 6.94
C THR A 67 2.47 12.75 5.67
N ARG A 68 3.78 13.00 5.75
CA ARG A 68 4.53 13.02 4.49
C ARG A 68 4.94 11.64 4.02
N ALA A 69 5.13 11.52 2.70
CA ALA A 69 5.78 10.35 2.13
C ALA A 69 7.22 10.74 1.82
N SER A 70 8.16 9.82 2.13
CA SER A 70 9.59 10.15 1.97
C SER A 70 10.16 9.75 0.62
N TYR A 71 9.79 8.58 0.13
CA TYR A 71 10.31 8.12 -1.15
C TYR A 71 9.43 6.99 -1.68
N ILE A 72 9.60 6.69 -2.96
CA ILE A 72 8.95 5.53 -3.58
C ILE A 72 10.05 4.54 -3.89
N TYR A 73 9.82 3.26 -3.58
CA TYR A 73 10.82 2.23 -3.79
C TYR A 73 10.30 1.20 -4.77
N ARG A 74 11.20 0.61 -5.55
CA ARG A 74 10.84 -0.59 -6.30
C ARG A 74 11.95 -1.63 -6.42
N GLU A 75 11.51 -2.88 -6.57
CA GLU A 75 12.42 -4.03 -6.74
C GLU A 75 11.60 -5.13 -7.36
N LYS A 76 12.21 -5.98 -8.19
CA LYS A 76 11.43 -7.06 -8.78
C LYS A 76 11.24 -8.27 -7.86
N VAL A 77 10.06 -8.88 -7.95
CA VAL A 77 9.69 -10.04 -7.13
C VAL A 77 9.02 -11.07 -8.02
N GLU A 78 9.28 -12.36 -7.76
CA GLU A 78 8.63 -13.42 -8.50
C GLU A 78 7.14 -13.62 -8.14
N LYS A 79 6.86 -13.86 -6.88
CA LYS A 79 5.54 -14.30 -6.44
C LYS A 79 4.86 -13.28 -5.52
N LEU A 80 3.57 -13.08 -5.75
CA LEU A 80 2.76 -12.21 -4.85
C LEU A 80 1.57 -13.00 -4.36
N ILE A 81 0.96 -12.54 -3.27
CA ILE A 81 -0.36 -13.04 -2.86
C ILE A 81 -1.43 -12.12 -3.44
N GLU A 82 -2.47 -12.71 -4.04
CA GLU A 82 -3.63 -11.96 -4.54
C GLU A 82 -4.79 -12.21 -3.59
N ILE A 83 -5.22 -11.15 -2.90
CA ILE A 83 -6.40 -11.17 -2.05
C ILE A 83 -7.56 -10.52 -2.84
N LYS A 84 -8.55 -11.33 -3.21
CA LYS A 84 -9.66 -10.82 -4.02
C LYS A 84 -10.83 -10.54 -3.11
N LEU A 85 -11.45 -9.38 -3.28
CA LEU A 85 -12.61 -9.01 -2.48
C LEU A 85 -13.90 -9.32 -3.26
N SER A 86 -15.00 -9.47 -2.54
CA SER A 86 -16.24 -9.87 -3.17
C SER A 86 -16.62 -8.90 -4.30
N SER A 87 -16.11 -7.67 -4.20
CA SER A 87 -16.30 -6.66 -5.23
C SER A 87 -15.63 -6.98 -6.58
N GLY A 88 -14.58 -7.79 -6.55
CA GLY A 88 -13.80 -8.09 -7.76
C GLY A 88 -12.44 -7.39 -7.71
N TYR A 89 -12.37 -6.37 -6.88
CA TYR A 89 -11.10 -5.72 -6.58
C TYR A 89 -10.08 -6.71 -6.01
N SER A 90 -8.81 -6.54 -6.36
CA SER A 90 -7.78 -7.40 -5.76
C SER A 90 -6.60 -6.59 -5.21
N LEU A 91 -6.13 -6.98 -4.03
CA LEU A 91 -4.92 -6.44 -3.45
C LEU A 91 -3.84 -7.47 -3.73
N LYS A 92 -2.76 -7.04 -4.37
CA LYS A 92 -1.67 -7.95 -4.73
C LYS A 92 -0.41 -7.45 -4.03
N VAL A 93 0.05 -8.25 -3.07
CA VAL A 93 1.16 -7.83 -2.21
C VAL A 93 2.11 -8.99 -1.93
N THR A 94 3.29 -8.68 -1.41
CA THR A 94 4.24 -9.78 -1.11
C THR A 94 3.66 -10.69 -0.02
N PRO A 95 4.08 -11.95 0.04
CA PRO A 95 3.39 -12.86 0.97
C PRO A 95 3.51 -12.55 2.44
N SER A 96 4.57 -11.87 2.88
CA SER A 96 4.67 -11.56 4.28
C SER A 96 4.09 -10.20 4.63
N HIS A 97 3.55 -9.50 3.63
CA HIS A 97 3.12 -8.12 3.83
C HIS A 97 1.97 -7.96 4.82
N PRO A 98 2.10 -7.02 5.77
CA PRO A 98 0.99 -6.86 6.69
C PRO A 98 -0.24 -6.22 6.02
N VAL A 99 -1.40 -6.82 6.26
CA VAL A 99 -2.69 -6.38 5.70
C VAL A 99 -3.62 -6.11 6.87
N LEU A 100 -4.33 -4.97 6.83
CA LEU A 100 -5.20 -4.63 7.97
C LEU A 100 -6.52 -5.39 7.90
N LEU A 101 -6.76 -6.22 8.92
CA LEU A 101 -7.99 -7.01 9.01
C LEU A 101 -8.76 -6.58 10.25
N PHE A 102 -10.04 -6.97 10.32
CA PHE A 102 -10.77 -6.93 11.58
C PHE A 102 -10.97 -8.36 12.07
N ARG A 103 -10.25 -8.72 13.13
CA ARG A 103 -10.41 -10.02 13.76
C ARG A 103 -10.74 -9.74 15.22
N ASP A 104 -9.74 -9.75 16.08
CA ASP A 104 -9.93 -9.32 17.44
C ASP A 104 -9.67 -7.83 17.39
N GLY A 105 -10.66 -7.09 16.88
CA GLY A 105 -10.45 -5.70 16.56
C GLY A 105 -9.50 -5.57 15.37
N LEU A 106 -8.99 -4.35 15.14
CA LEU A 106 -8.03 -4.11 14.06
C LEU A 106 -6.70 -4.79 14.32
N GLN A 107 -6.25 -5.59 13.36
CA GLN A 107 -5.00 -6.30 13.47
C GLN A 107 -4.31 -6.35 12.12
N TRP A 108 -2.98 -6.10 12.13
CA TRP A 108 -2.14 -6.35 10.96
C TRP A 108 -1.79 -7.85 10.87
N VAL A 109 -2.05 -8.44 9.70
CA VAL A 109 -1.88 -9.89 9.48
C VAL A 109 -1.08 -10.10 8.20
N PRO A 110 -0.09 -11.03 8.20
CA PRO A 110 0.67 -11.24 6.95
C PRO A 110 -0.24 -11.69 5.83
N ALA A 111 -0.02 -11.17 4.63
CA ALA A 111 -0.91 -11.48 3.51
C ALA A 111 -1.18 -12.97 3.29
N ALA A 112 -0.15 -13.79 3.42
CA ALA A 112 -0.31 -15.22 3.12
C ALA A 112 -1.14 -15.91 4.20
N GLU A 113 -1.41 -15.22 5.30
CA GLU A 113 -2.27 -15.75 6.36
C GLU A 113 -3.70 -15.23 6.28
N VAL A 114 -3.95 -14.34 5.33
CA VAL A 114 -5.32 -13.88 5.10
C VAL A 114 -6.14 -15.03 4.48
N LYS A 115 -7.37 -15.20 4.98
CA LYS A 115 -8.25 -16.29 4.53
C LYS A 115 -9.50 -15.75 3.87
N PRO A 116 -10.04 -16.51 2.91
CA PRO A 116 -11.39 -16.14 2.48
C PRO A 116 -12.32 -16.09 3.70
N GLY A 117 -13.18 -15.09 3.74
CA GLY A 117 -14.03 -14.84 4.90
C GLY A 117 -13.51 -13.81 5.89
N ASP A 118 -12.21 -13.57 5.86
CA ASP A 118 -11.65 -12.47 6.64
C ASP A 118 -12.21 -11.19 6.08
N VAL A 119 -12.13 -10.10 6.86
CA VAL A 119 -12.53 -8.77 6.37
C VAL A 119 -11.34 -7.82 6.34
N VAL A 120 -11.04 -7.32 5.13
CA VAL A 120 -10.00 -6.30 4.97
C VAL A 120 -10.60 -4.96 5.31
N VAL A 121 -9.79 -4.11 5.94
CA VAL A 121 -10.29 -2.86 6.51
C VAL A 121 -9.88 -1.64 5.67
N GLY A 122 -10.84 -0.74 5.48
CA GLY A 122 -10.56 0.57 4.92
C GLY A 122 -11.27 1.62 5.76
N VAL A 123 -11.08 2.86 5.38
CA VAL A 123 -11.77 3.95 6.07
C VAL A 123 -12.30 4.87 5.00
N ARG A 124 -13.56 5.28 5.17
CA ARG A 124 -14.22 6.16 4.21
C ARG A 124 -15.20 7.03 4.97
N ASN A 125 -15.17 8.33 4.68
CA ASN A 125 -16.05 9.29 5.36
C ASN A 125 -15.80 9.22 6.85
N GLY A 126 -14.55 9.00 7.23
CA GLY A 126 -14.16 8.95 8.62
C GLY A 126 -14.44 7.66 9.36
N GLU A 127 -15.07 6.69 8.68
CA GLU A 127 -15.59 5.50 9.34
C GLU A 127 -14.91 4.26 8.80
N LEU A 128 -14.70 3.25 9.64
CA LEU A 128 -14.12 1.99 9.15
C LEU A 128 -15.11 1.31 8.19
N GLU A 129 -14.56 0.67 7.16
CA GLU A 129 -15.36 -0.06 6.19
C GLU A 129 -14.76 -1.45 6.12
N PHE A 130 -15.62 -2.44 6.02
CA PHE A 130 -15.17 -3.83 6.07
C PHE A 130 -15.49 -4.53 4.75
N HIS A 131 -14.51 -5.21 4.20
CA HIS A 131 -14.66 -5.84 2.90
C HIS A 131 -14.33 -7.32 3.03
N GLU A 132 -15.31 -8.17 2.76
CA GLU A 132 -15.07 -9.60 2.87
C GLU A 132 -14.14 -10.12 1.77
N VAL A 133 -13.20 -10.96 2.16
CA VAL A 133 -12.27 -11.60 1.21
C VAL A 133 -12.98 -12.79 0.56
N SER A 134 -12.98 -12.81 -0.77
CA SER A 134 -13.60 -13.90 -1.54
C SER A 134 -12.62 -15.03 -1.84
N SER A 135 -11.36 -14.71 -2.15
CA SER A 135 -10.36 -15.75 -2.45
C SER A 135 -8.96 -15.26 -2.22
N VAL A 136 -8.05 -16.20 -1.98
CA VAL A 136 -6.64 -15.88 -1.84
C VAL A 136 -5.86 -16.89 -2.66
N ARG A 137 -4.75 -16.46 -3.24
CA ARG A 137 -3.84 -17.38 -3.88
C ARG A 137 -2.51 -16.71 -4.16
N ILE A 138 -1.48 -17.54 -4.31
CA ILE A 138 -0.20 -17.06 -4.84
C ILE A 138 -0.34 -16.89 -6.35
N ILE A 139 0.29 -15.83 -6.88
CA ILE A 139 0.35 -15.64 -8.33
C ILE A 139 1.77 -15.46 -8.82
N ASP A 140 2.01 -15.90 -10.07
CA ASP A 140 3.29 -15.66 -10.72
C ASP A 140 3.26 -14.23 -11.23
N TYR A 141 4.14 -13.39 -10.69
CA TYR A 141 4.08 -11.96 -10.95
C TYR A 141 5.25 -11.46 -11.78
N ASN A 142 6.47 -11.74 -11.31
CA ASN A 142 7.70 -11.48 -12.08
C ASN A 142 7.77 -10.07 -12.66
N ASN A 143 7.72 -9.08 -11.77
CA ASN A 143 7.74 -7.72 -12.24
C ASN A 143 8.06 -6.83 -11.06
N TRP A 144 8.06 -5.53 -11.32
CA TRP A 144 8.37 -4.56 -10.28
C TRP A 144 7.30 -4.49 -9.20
N VAL A 145 7.74 -4.51 -7.95
CA VAL A 145 6.85 -4.31 -6.78
C VAL A 145 7.33 -3.04 -6.09
N TYR A 146 6.40 -2.33 -5.46
CA TYR A 146 6.64 -0.94 -5.05
C TYR A 146 6.32 -0.70 -3.58
N ASP A 147 6.83 0.42 -3.03
CA ASP A 147 6.27 0.92 -1.77
C ASP A 147 6.36 2.42 -1.83
N LEU A 148 5.43 3.06 -1.11
CA LEU A 148 5.38 4.51 -0.93
C LEU A 148 5.58 4.75 0.54
N VAL A 149 6.83 5.08 0.92
CA VAL A 149 7.25 4.97 2.33
C VAL A 149 6.79 6.15 3.16
N ILE A 150 6.16 5.85 4.29
CA ILE A 150 5.50 6.84 5.13
C ILE A 150 6.13 6.77 6.52
N PRO A 151 7.14 7.60 6.77
CA PRO A 151 7.94 7.37 7.99
C PRO A 151 7.23 7.53 9.30
N GLU A 152 6.20 8.36 9.37
CA GLU A 152 5.66 8.61 10.69
C GLU A 152 4.85 7.43 11.21
N THR A 153 4.03 6.86 10.33
CA THR A 153 2.96 6.00 10.75
C THR A 153 2.96 4.68 9.99
N HIS A 154 3.74 4.62 8.91
CA HIS A 154 3.91 3.38 8.14
C HIS A 154 2.66 2.87 7.44
N ASN A 155 1.66 3.73 7.21
CA ASN A 155 0.55 3.35 6.35
C ASN A 155 0.02 4.54 5.58
N PHE A 156 -0.59 4.27 4.44
CA PHE A 156 -1.31 5.30 3.70
C PHE A 156 -2.67 4.77 3.28
N ILE A 157 -3.61 5.69 3.08
CA ILE A 157 -4.96 5.32 2.72
C ILE A 157 -5.15 5.46 1.22
N ALA A 158 -5.56 4.36 0.58
CA ALA A 158 -5.76 4.32 -0.86
C ALA A 158 -7.07 5.02 -1.24
N PRO A 159 -7.23 5.30 -2.53
CA PRO A 159 -8.46 5.96 -2.96
C PRO A 159 -9.73 5.18 -2.58
N ASN A 160 -9.68 3.86 -2.62
CA ASN A 160 -10.85 3.07 -2.23
C ASN A 160 -10.95 2.89 -0.70
N GLY A 161 -10.05 3.54 0.05
CA GLY A 161 -10.15 3.56 1.49
C GLY A 161 -9.28 2.54 2.17
N LEU A 162 -8.76 1.54 1.43
CA LEU A 162 -7.97 0.54 2.13
C LEU A 162 -6.75 1.15 2.81
N VAL A 163 -6.46 0.69 4.01
CA VAL A 163 -5.34 1.22 4.79
C VAL A 163 -4.12 0.33 4.53
N LEU A 164 -3.20 0.84 3.70
CA LEU A 164 -2.11 0.01 3.18
C LEU A 164 -0.82 0.27 3.96
N HIS A 165 -0.21 -0.83 4.44
CA HIS A 165 1.00 -0.72 5.26
C HIS A 165 2.25 -0.69 4.41
N ASN A 166 3.28 -0.04 4.92
CA ASN A 166 4.59 -0.12 4.26
C ASN A 166 5.21 -1.50 4.40
N ALA A 167 6.12 -1.79 3.49
CA ALA A 167 6.87 -3.03 3.53
C ALA A 167 7.72 -3.10 4.78
N GLN A 168 7.91 -4.31 5.27
CA GLN A 168 8.83 -4.59 6.37
C GLN A 168 9.75 -5.74 5.97
#